data_1A77
#
_entry.id   1A77
#
_cell.length_a   58.830
_cell.length_b   42.480
_cell.length_c   62.560
_cell.angle_alpha   90.00
_cell.angle_beta   92.24
_cell.angle_gamma   90.00
#
_symmetry.space_group_name_H-M   'P 1 21 1'
#
loop_
_entity.id
_entity.type
_entity.pdbx_description
1 polymer 'FLAP ENDONUCLEASE-1 PROTEIN'
2 non-polymer 'MAGNESIUM ION'
3 water water
#
_entity_poly.entity_id   1
_entity_poly.type   'polypeptide(L)'
_entity_poly.pdbx_seq_one_letter_code
;MGVQFGDFIPKNIISFEDLKGKKVAIDGMNALYQFLTSIRLRDGSPLRNRKGEITSAYNGVFYKTIHLLENDITPIWVFD
GEPPKLKEKTRKVRREMKEKAELKMKEAIKKEDFEEAAKYAKRVSYLTPKMVENCKYLLSLMGIPYVEAPSEGEAQASYM
AKKGDVWAVVSQDYDALLYGAPRVVRNLTTTKEMPELIELNEVLEDLRISLDDLIDIAIFMGTDYNPGGVKGIGFKRAYE
LVRSGVAKDVLKKEVEYYDEIKRIFKEPKVTDNYSLSLKLPDKEGIIKFLVDENDFNYDRVKKHVDKLYNLIANKTKQKT
LDAWFK
;
_entity_poly.pdbx_strand_id   A
#
# COMPACT_ATOMS: atom_id res chain seq x y z
N GLY A 2 7.01 5.93 3.72
CA GLY A 2 6.68 5.59 5.10
C GLY A 2 7.85 5.81 6.04
N VAL A 3 7.77 5.22 7.23
CA VAL A 3 8.84 5.36 8.20
C VAL A 3 10.15 4.88 7.57
N GLN A 4 11.21 5.67 7.73
CA GLN A 4 12.52 5.34 7.17
C GLN A 4 13.34 4.37 8.01
N PHE A 5 12.88 3.14 8.08
CA PHE A 5 13.53 2.06 8.84
C PHE A 5 14.72 1.44 8.13
N GLY A 6 14.68 1.50 6.80
CA GLY A 6 15.72 0.94 5.95
C GLY A 6 17.11 0.65 6.49
N ASP A 7 17.90 1.70 6.70
CA ASP A 7 19.26 1.58 7.18
C ASP A 7 19.46 0.96 8.56
N PHE A 8 18.42 0.92 9.38
CA PHE A 8 18.58 0.42 10.74
C PHE A 8 18.02 -0.95 11.09
N ILE A 9 17.37 -1.61 10.14
CA ILE A 9 16.80 -2.91 10.44
C ILE A 9 17.34 -3.98 9.51
N PRO A 10 17.50 -5.21 10.03
CA PRO A 10 18.02 -6.30 9.20
C PRO A 10 17.08 -6.61 8.04
N LYS A 11 17.64 -6.85 6.86
CA LYS A 11 16.85 -7.17 5.69
C LYS A 11 17.68 -8.05 4.80
N ASN A 12 17.05 -8.79 3.90
CA ASN A 12 17.78 -9.69 3.02
C ASN A 12 17.27 -9.73 1.59
N ILE A 13 18.21 -9.69 0.65
CA ILE A 13 17.86 -9.75 -0.75
C ILE A 13 17.39 -11.18 -0.97
N ILE A 14 16.25 -11.33 -1.65
CA ILE A 14 15.72 -12.66 -1.94
C ILE A 14 15.52 -12.77 -3.44
N SER A 15 15.69 -13.97 -3.98
CA SER A 15 15.52 -14.16 -5.42
C SER A 15 14.06 -14.42 -5.76
N PHE A 16 13.71 -14.24 -7.03
CA PHE A 16 12.36 -14.49 -7.49
C PHE A 16 12.02 -15.98 -7.37
N GLU A 17 13.02 -16.82 -7.58
CA GLU A 17 12.84 -18.28 -7.49
C GLU A 17 12.43 -18.68 -6.08
N ASP A 18 13.06 -18.07 -5.09
CA ASP A 18 12.77 -18.38 -3.70
C ASP A 18 11.42 -17.80 -3.25
N LEU A 19 10.78 -17.06 -4.14
CA LEU A 19 9.46 -16.47 -3.89
C LEU A 19 8.40 -17.36 -4.56
N LYS A 20 8.87 -18.28 -5.40
CA LYS A 20 7.98 -19.17 -6.13
C LYS A 20 6.98 -19.93 -5.24
N GLY A 21 5.73 -19.94 -5.66
CA GLY A 21 4.70 -20.65 -4.92
C GLY A 21 4.11 -19.92 -3.73
N LYS A 22 4.62 -18.74 -3.41
CA LYS A 22 4.08 -18.00 -2.27
C LYS A 22 2.89 -17.13 -2.67
N LYS A 23 1.98 -16.97 -1.73
CA LYS A 23 0.82 -16.11 -1.92
C LYS A 23 1.19 -14.83 -1.17
N VAL A 24 0.84 -13.68 -1.73
CA VAL A 24 1.15 -12.42 -1.06
C VAL A 24 -0.02 -11.47 -1.11
N ALA A 25 -0.05 -10.55 -0.15
CA ALA A 25 -1.08 -9.52 -0.09
C ALA A 25 -0.41 -8.25 -0.57
N ILE A 26 -0.87 -7.74 -1.71
CA ILE A 26 -0.30 -6.53 -2.28
C ILE A 26 -0.93 -5.26 -1.69
N ASP A 27 -0.08 -4.33 -1.27
CA ASP A 27 -0.59 -3.06 -0.75
C ASP A 27 -0.95 -2.30 -2.02
N GLY A 28 -2.23 -2.34 -2.37
CA GLY A 28 -2.73 -1.70 -3.57
C GLY A 28 -2.35 -0.25 -3.75
N MET A 29 -2.72 0.60 -2.81
CA MET A 29 -2.41 2.02 -2.95
C MET A 29 -0.93 2.29 -3.06
N ASN A 30 -0.09 1.60 -2.28
CA ASN A 30 1.34 1.76 -2.42
C ASN A 30 1.79 1.34 -3.81
N ALA A 31 1.23 0.26 -4.33
CA ALA A 31 1.62 -0.20 -5.66
C ALA A 31 1.23 0.80 -6.76
N LEU A 32 0.00 1.31 -6.68
CA LEU A 32 -0.49 2.25 -7.67
C LEU A 32 0.31 3.55 -7.71
N TYR A 33 0.75 4.02 -6.54
CA TYR A 33 1.55 5.24 -6.44
C TYR A 33 2.92 4.93 -7.04
N GLN A 34 3.40 3.73 -6.79
CA GLN A 34 4.68 3.25 -7.32
C GLN A 34 4.67 3.26 -8.86
N PHE A 35 3.60 2.74 -9.43
CA PHE A 35 3.44 2.67 -10.90
C PHE A 35 3.40 4.08 -11.50
N LEU A 36 2.68 4.99 -10.85
CA LEU A 36 2.56 6.35 -11.33
C LEU A 36 3.91 7.06 -11.34
N THR A 37 4.73 6.75 -10.34
CA THR A 37 6.04 7.36 -10.22
C THR A 37 7.12 6.77 -11.16
N SER A 38 7.15 5.44 -11.29
CA SER A 38 8.15 4.75 -12.11
C SER A 38 7.78 4.33 -13.54
N ILE A 39 6.50 4.23 -13.86
CA ILE A 39 6.12 3.85 -15.23
C ILE A 39 5.81 5.16 -15.97
N ARG A 40 6.87 5.77 -16.49
CA ARG A 40 6.78 7.04 -17.18
C ARG A 40 7.48 7.03 -18.54
N LEU A 41 7.47 8.17 -19.20
CA LEU A 41 8.11 8.32 -20.50
C LEU A 41 9.57 8.73 -20.30
N ARG A 42 10.25 9.05 -21.39
CA ARG A 42 11.66 9.45 -21.31
C ARG A 42 11.79 10.79 -20.60
N ASP A 43 10.84 11.68 -20.85
CA ASP A 43 10.86 13.00 -20.24
C ASP A 43 10.16 13.03 -18.88
N GLY A 44 10.10 11.88 -18.23
CA GLY A 44 9.46 11.81 -16.92
C GLY A 44 7.97 12.06 -16.94
N SER A 45 7.36 11.99 -18.11
CA SER A 45 5.92 12.21 -18.21
C SER A 45 5.19 10.87 -18.09
N PRO A 46 4.03 10.86 -17.41
CA PRO A 46 3.24 9.64 -17.22
C PRO A 46 2.68 9.09 -18.51
N LEU A 47 2.38 7.79 -18.52
CA LEU A 47 1.80 7.13 -19.68
C LEU A 47 0.35 7.60 -19.78
N ARG A 48 -0.11 7.92 -20.98
CA ARG A 48 -1.50 8.36 -21.16
C ARG A 48 -2.11 7.76 -22.42
N ASN A 49 -3.44 7.68 -22.46
CA ASN A 49 -4.07 7.17 -23.67
C ASN A 49 -4.24 8.39 -24.59
N ARG A 50 -4.85 8.20 -25.75
CA ARG A 50 -5.01 9.31 -26.69
C ARG A 50 -5.95 10.43 -26.25
N LYS A 51 -6.71 10.18 -25.19
CA LYS A 51 -7.63 11.19 -24.68
C LYS A 51 -6.93 12.01 -23.61
N GLY A 52 -5.66 11.70 -23.38
CA GLY A 52 -4.88 12.42 -22.40
C GLY A 52 -5.00 11.88 -20.99
N GLU A 53 -5.70 10.76 -20.85
CA GLU A 53 -5.90 10.12 -19.54
C GLU A 53 -4.71 9.24 -19.15
N ILE A 54 -4.26 9.34 -17.91
CA ILE A 54 -3.14 8.54 -17.45
C ILE A 54 -3.47 7.05 -17.30
N THR A 55 -2.59 6.21 -17.84
CA THR A 55 -2.75 4.75 -17.83
C THR A 55 -1.59 4.00 -17.15
N SER A 56 -0.63 4.75 -16.61
CA SER A 56 0.52 4.17 -15.93
C SER A 56 0.12 3.09 -14.94
N ALA A 57 -0.90 3.40 -14.14
CA ALA A 57 -1.40 2.46 -13.14
C ALA A 57 -1.98 1.20 -13.76
N TYR A 58 -2.76 1.35 -14.82
CA TYR A 58 -3.34 0.18 -15.47
C TYR A 58 -2.22 -0.71 -16.02
N ASN A 59 -1.16 -0.08 -16.52
CA ASN A 59 0.00 -0.80 -17.07
C ASN A 59 0.65 -1.66 -15.97
N GLY A 60 0.89 -1.07 -14.81
CA GLY A 60 1.51 -1.85 -13.74
C GLY A 60 0.60 -2.96 -13.21
N VAL A 61 -0.68 -2.65 -13.00
CA VAL A 61 -1.64 -3.63 -12.50
C VAL A 61 -1.68 -4.87 -13.40
N PHE A 62 -1.75 -4.64 -14.71
CA PHE A 62 -1.83 -5.72 -15.70
C PHE A 62 -0.54 -6.52 -15.85
N TYR A 63 0.52 -5.86 -16.29
CA TYR A 63 1.79 -6.53 -16.52
C TYR A 63 2.49 -7.03 -15.28
N LYS A 64 2.50 -6.24 -14.22
CA LYS A 64 3.15 -6.68 -12.98
C LYS A 64 2.46 -7.89 -12.38
N THR A 65 1.13 -7.90 -12.36
CA THR A 65 0.37 -9.02 -11.81
C THR A 65 0.64 -10.32 -12.59
N ILE A 66 0.73 -10.22 -13.91
CA ILE A 66 0.99 -11.38 -14.75
C ILE A 66 2.43 -11.87 -14.50
N HIS A 67 3.36 -10.94 -14.34
CA HIS A 67 4.76 -11.29 -14.07
C HIS A 67 4.89 -12.17 -12.83
N LEU A 68 4.16 -11.82 -11.78
CA LEU A 68 4.16 -12.57 -10.54
C LEU A 68 3.60 -13.98 -10.77
N LEU A 69 2.44 -14.04 -11.41
CA LEU A 69 1.78 -15.31 -11.71
C LEU A 69 2.65 -16.23 -12.54
N GLU A 70 3.42 -15.64 -13.44
CA GLU A 70 4.33 -16.38 -14.29
C GLU A 70 5.38 -17.06 -13.42
N ASN A 71 5.65 -16.47 -12.26
CA ASN A 71 6.63 -17.01 -11.34
C ASN A 71 5.96 -17.73 -10.16
N ASP A 72 4.73 -18.21 -10.38
CA ASP A 72 3.98 -18.92 -9.36
C ASP A 72 3.78 -18.14 -8.05
N ILE A 73 3.59 -16.84 -8.14
CA ILE A 73 3.34 -16.02 -6.97
C ILE A 73 1.89 -15.53 -7.12
N THR A 74 1.02 -16.01 -6.23
CA THR A 74 -0.40 -15.66 -6.28
C THR A 74 -0.71 -14.41 -5.46
N PRO A 75 -1.01 -13.30 -6.15
CA PRO A 75 -1.30 -12.07 -5.44
C PRO A 75 -2.77 -11.78 -5.16
N ILE A 76 -3.02 -11.14 -4.02
CA ILE A 76 -4.36 -10.72 -3.68
C ILE A 76 -4.16 -9.22 -3.42
N TRP A 77 -4.85 -8.40 -4.19
CA TRP A 77 -4.71 -6.96 -4.07
C TRP A 77 -5.54 -6.41 -2.92
N VAL A 78 -4.93 -5.55 -2.12
CA VAL A 78 -5.61 -4.96 -0.97
C VAL A 78 -5.72 -3.43 -1.11
N PHE A 79 -6.95 -2.93 -1.15
CA PHE A 79 -7.17 -1.48 -1.30
C PHE A 79 -7.68 -0.82 -0.01
N ASP A 80 -7.57 0.50 0.05
CA ASP A 80 -8.02 1.24 1.22
C ASP A 80 -9.54 1.26 1.31
N GLY A 81 -10.05 1.56 2.50
CA GLY A 81 -11.49 1.60 2.69
C GLY A 81 -12.19 2.86 2.17
N GLU A 82 -13.45 3.01 2.58
CA GLU A 82 -14.32 4.12 2.21
C GLU A 82 -13.83 5.49 2.65
N PRO A 83 -13.27 6.28 1.72
CA PRO A 83 -12.77 7.62 2.05
C PRO A 83 -13.66 8.40 3.01
N PRO A 84 -15.00 8.37 2.79
CA PRO A 84 -15.89 9.11 3.69
C PRO A 84 -15.86 8.58 5.12
N LYS A 85 -15.85 7.26 5.25
CA LYS A 85 -15.80 6.61 6.55
C LYS A 85 -14.71 5.54 6.54
N LEU A 86 -13.72 5.71 7.42
CA LEU A 86 -12.63 4.74 7.49
C LEU A 86 -12.26 4.40 8.92
N LYS A 87 -12.96 5.02 9.87
CA LYS A 87 -12.71 4.75 11.29
C LYS A 87 -12.48 3.23 11.49
N GLU A 88 -11.23 2.80 11.70
CA GLU A 88 -10.89 1.39 11.90
C GLU A 88 -11.09 1.00 13.37
N LYS A 89 -11.97 -0.01 13.54
CA LYS A 89 -12.48 -0.38 14.87
C LYS A 89 -11.96 0.52 15.96
N THR A 90 -10.75 0.45 16.48
CA THR A 90 -10.45 1.47 17.45
C THR A 90 -9.81 2.65 16.70
N ARG A 91 -10.61 3.42 15.92
CA ARG A 91 -10.08 4.55 15.15
C ARG A 91 -11.19 5.58 14.87
N LYS A 92 -11.85 6.04 15.94
CA LYS A 92 -12.92 7.02 15.81
C LYS A 92 -12.84 8.08 16.91
N VAL A 93 -12.28 7.70 18.06
CA VAL A 93 -12.12 8.61 19.21
C VAL A 93 -11.82 10.03 18.76
N ARG A 94 -10.69 10.20 18.07
CA ARG A 94 -10.28 11.51 17.59
C ARG A 94 -10.64 11.69 16.12
N ARG A 95 -9.65 12.03 15.30
CA ARG A 95 -9.90 12.26 13.88
C ARG A 95 -9.09 11.42 12.91
N GLU A 96 -9.60 11.38 11.67
CA GLU A 96 -8.96 10.66 10.57
C GLU A 96 -8.60 11.75 9.56
N MET A 97 -8.82 12.99 9.96
CA MET A 97 -8.53 14.18 9.17
C MET A 97 -8.81 15.41 10.05
N LYS A 98 -9.28 16.50 9.48
CA LYS A 98 -9.56 17.69 10.30
C LYS A 98 -11.04 18.06 10.29
N GLU A 99 -11.88 17.13 9.85
CA GLU A 99 -13.32 17.35 9.79
C GLU A 99 -13.93 17.84 11.10
N LYS A 100 -13.88 16.99 12.13
CA LYS A 100 -14.43 17.33 13.43
C LYS A 100 -13.87 18.63 14.00
N ALA A 101 -12.54 18.71 14.09
CA ALA A 101 -11.89 19.90 14.63
C ALA A 101 -11.67 20.98 13.57
N GLU A 102 -10.97 22.04 13.96
CA GLU A 102 -10.65 23.22 13.12
C GLU A 102 -10.41 22.99 11.61
N LEU A 103 -11.42 23.21 10.75
CA LEU A 103 -11.30 23.02 9.28
C LEU A 103 -11.73 24.24 8.41
N LYS A 104 -12.20 25.26 9.16
CA LYS A 104 -12.79 26.60 8.88
C LYS A 104 -14.00 26.89 7.98
N MET A 105 -15.00 27.21 8.80
CA MET A 105 -16.36 27.51 8.41
C MET A 105 -16.68 28.99 8.41
N LYS A 106 -16.64 29.59 7.23
CA LYS A 106 -16.91 31.01 7.06
C LYS A 106 -17.24 31.26 5.60
N GLU A 107 -18.11 32.23 5.36
CA GLU A 107 -18.50 32.56 4.00
C GLU A 107 -17.36 33.22 3.24
N ALA A 108 -16.86 32.53 2.23
CA ALA A 108 -15.77 33.02 1.40
C ALA A 108 -15.90 32.54 -0.04
N ILE A 109 -17.14 32.39 -0.50
CA ILE A 109 -17.44 31.93 -1.87
C ILE A 109 -16.80 32.82 -2.94
N LYS A 110 -16.36 34.01 -2.53
CA LYS A 110 -15.74 34.96 -3.47
C LYS A 110 -14.73 34.24 -4.37
N LYS A 111 -14.35 34.87 -5.48
CA LYS A 111 -13.41 34.31 -6.44
C LYS A 111 -12.38 33.36 -5.80
N GLU A 112 -11.88 33.73 -4.63
CA GLU A 112 -10.89 32.92 -3.92
C GLU A 112 -11.48 31.55 -3.58
N ASP A 113 -12.78 31.40 -3.79
CA ASP A 113 -13.49 30.16 -3.50
C ASP A 113 -13.71 29.31 -4.75
N PHE A 114 -13.70 29.97 -5.91
CA PHE A 114 -13.91 29.26 -7.17
C PHE A 114 -12.59 28.84 -7.77
N GLU A 115 -11.58 29.66 -7.55
CA GLU A 115 -10.23 29.35 -8.02
C GLU A 115 -9.86 28.17 -7.16
N GLU A 116 -10.57 28.08 -6.03
CA GLU A 116 -10.42 27.02 -5.06
C GLU A 116 -11.45 25.96 -5.42
N ALA A 117 -12.57 26.39 -5.99
CA ALA A 117 -13.65 25.49 -6.41
C ALA A 117 -13.18 24.90 -7.71
N ALA A 118 -11.86 24.89 -7.85
CA ALA A 118 -11.15 24.34 -9.00
C ALA A 118 -9.82 23.98 -8.37
N LYS A 119 -9.82 24.00 -7.04
CA LYS A 119 -8.64 23.68 -6.24
C LYS A 119 -8.92 22.69 -5.10
N TYR A 120 -9.36 21.48 -5.46
CA TYR A 120 -9.64 20.43 -4.48
C TYR A 120 -9.34 19.07 -5.10
N ALA A 121 -9.54 18.98 -6.41
CA ALA A 121 -9.27 17.77 -7.15
C ALA A 121 -7.89 17.94 -7.77
N LYS A 122 -6.87 17.62 -6.99
CA LYS A 122 -5.48 17.72 -7.43
C LYS A 122 -4.54 17.13 -6.37
N ARG A 123 -4.74 17.52 -5.12
CA ARG A 123 -3.90 16.98 -4.04
C ARG A 123 -4.18 15.49 -3.90
N VAL A 124 -5.24 15.04 -4.57
CA VAL A 124 -5.59 13.62 -4.52
C VAL A 124 -4.60 13.00 -5.52
N SER A 125 -3.58 13.78 -5.91
CA SER A 125 -2.54 13.37 -6.84
C SER A 125 -3.15 12.86 -8.14
N TYR A 126 -2.32 12.21 -8.96
CA TYR A 126 -2.78 11.66 -10.22
C TYR A 126 -3.63 10.43 -9.94
N LEU A 127 -3.54 9.91 -8.70
CA LEU A 127 -4.31 8.73 -8.27
C LEU A 127 -5.65 9.19 -7.74
N THR A 128 -6.64 9.17 -8.62
CA THR A 128 -7.98 9.60 -8.29
C THR A 128 -8.86 8.40 -7.98
N PRO A 129 -9.98 8.62 -7.26
CA PRO A 129 -10.87 7.50 -6.95
C PRO A 129 -11.31 6.76 -8.22
N LYS A 130 -11.51 7.51 -9.31
CA LYS A 130 -11.93 6.91 -10.58
C LYS A 130 -10.85 5.95 -11.09
N MET A 131 -9.60 6.41 -11.03
CA MET A 131 -8.47 5.59 -11.47
C MET A 131 -8.37 4.34 -10.60
N VAL A 132 -8.50 4.51 -9.28
CA VAL A 132 -8.46 3.39 -8.35
C VAL A 132 -9.62 2.43 -8.65
N GLU A 133 -10.77 2.98 -9.00
CA GLU A 133 -11.92 2.16 -9.31
C GLU A 133 -11.67 1.40 -10.61
N ASN A 134 -10.99 2.06 -11.54
CA ASN A 134 -10.67 1.45 -12.84
C ASN A 134 -9.67 0.30 -12.68
N CYS A 135 -8.81 0.40 -11.68
CA CYS A 135 -7.81 -0.63 -11.41
C CYS A 135 -8.51 -1.84 -10.81
N LYS A 136 -9.51 -1.59 -9.97
CA LYS A 136 -10.28 -2.65 -9.34
C LYS A 136 -11.03 -3.40 -10.45
N TYR A 137 -11.59 -2.64 -11.38
CA TYR A 137 -12.35 -3.21 -12.48
C TYR A 137 -11.47 -4.13 -13.30
N LEU A 138 -10.27 -3.66 -13.64
CA LEU A 138 -9.32 -4.43 -14.42
C LEU A 138 -8.94 -5.74 -13.73
N LEU A 139 -8.73 -5.68 -12.42
CA LEU A 139 -8.37 -6.88 -11.65
C LEU A 139 -9.52 -7.87 -11.72
N SER A 140 -10.75 -7.34 -11.75
CA SER A 140 -11.92 -8.19 -11.84
C SER A 140 -11.92 -8.91 -13.20
N LEU A 141 -11.60 -8.17 -14.26
CA LEU A 141 -11.59 -8.74 -15.61
C LEU A 141 -10.46 -9.75 -15.75
N MET A 142 -9.37 -9.49 -15.05
CA MET A 142 -8.21 -10.36 -15.06
C MET A 142 -8.40 -11.61 -14.21
N GLY A 143 -9.46 -11.63 -13.40
CA GLY A 143 -9.75 -12.78 -12.55
C GLY A 143 -8.96 -12.77 -11.26
N ILE A 144 -8.30 -11.64 -10.98
CA ILE A 144 -7.46 -11.49 -9.78
C ILE A 144 -8.25 -10.99 -8.59
N PRO A 145 -8.17 -11.70 -7.45
CA PRO A 145 -8.90 -11.31 -6.25
C PRO A 145 -8.38 -10.06 -5.53
N TYR A 146 -9.29 -9.27 -4.99
CA TYR A 146 -8.91 -8.07 -4.23
C TYR A 146 -9.85 -7.86 -3.05
N VAL A 147 -9.36 -7.16 -2.03
CA VAL A 147 -10.16 -6.90 -0.86
C VAL A 147 -10.21 -5.41 -0.63
N GLU A 148 -11.35 -4.91 -0.20
CA GLU A 148 -11.46 -3.51 0.11
C GLU A 148 -11.42 -3.50 1.64
N ALA A 149 -10.32 -3.00 2.19
CA ALA A 149 -10.14 -2.95 3.62
C ALA A 149 -11.08 -1.94 4.27
N PRO A 150 -11.47 -2.18 5.53
CA PRO A 150 -12.35 -1.25 6.24
C PRO A 150 -11.69 0.12 6.35
N SER A 151 -10.37 0.14 6.49
CA SER A 151 -9.60 1.39 6.61
C SER A 151 -8.30 1.33 5.79
N GLU A 152 -7.16 1.43 6.47
CA GLU A 152 -5.86 1.36 5.79
C GLU A 152 -5.60 -0.04 5.24
N GLY A 153 -5.26 -0.11 3.96
CA GLY A 153 -4.99 -1.40 3.32
C GLY A 153 -3.79 -2.13 3.88
N GLU A 154 -2.80 -1.38 4.37
CA GLU A 154 -1.60 -1.98 4.96
C GLU A 154 -1.95 -2.74 6.23
N ALA A 155 -2.97 -2.30 6.94
CA ALA A 155 -3.39 -3.01 8.14
C ALA A 155 -4.11 -4.29 7.73
N GLN A 156 -4.94 -4.21 6.69
CA GLN A 156 -5.68 -5.37 6.20
C GLN A 156 -4.73 -6.44 5.70
N ALA A 157 -3.74 -6.02 4.91
CA ALA A 157 -2.76 -6.92 4.33
C ALA A 157 -1.92 -7.57 5.43
N SER A 158 -1.52 -6.76 6.42
CA SER A 158 -0.72 -7.28 7.50
C SER A 158 -1.50 -8.35 8.24
N TYR A 159 -2.78 -8.07 8.46
CA TYR A 159 -3.67 -8.99 9.16
C TYR A 159 -3.76 -10.32 8.40
N MET A 160 -3.91 -10.22 7.09
CA MET A 160 -3.98 -11.40 6.25
C MET A 160 -2.69 -12.21 6.34
N ALA A 161 -1.55 -11.53 6.41
CA ALA A 161 -0.27 -12.22 6.51
C ALA A 161 -0.14 -12.92 7.87
N LYS A 162 -0.53 -12.22 8.94
CA LYS A 162 -0.44 -12.79 10.27
C LYS A 162 -1.29 -14.05 10.36
N LYS A 163 -2.46 -14.00 9.74
CA LYS A 163 -3.40 -15.11 9.74
C LYS A 163 -2.84 -16.33 9.02
N GLY A 164 -1.95 -16.07 8.06
CA GLY A 164 -1.36 -17.16 7.30
C GLY A 164 -2.03 -17.39 5.97
N ASP A 165 -2.92 -16.48 5.59
CA ASP A 165 -3.62 -16.63 4.32
C ASP A 165 -2.66 -16.24 3.20
N VAL A 166 -1.66 -15.43 3.56
CA VAL A 166 -0.62 -15.01 2.62
C VAL A 166 0.72 -15.02 3.34
N TRP A 167 1.79 -15.25 2.60
CA TRP A 167 3.13 -15.31 3.17
C TRP A 167 3.76 -13.96 3.56
N ALA A 168 3.38 -12.90 2.85
CA ALA A 168 3.92 -11.58 3.14
C ALA A 168 3.10 -10.46 2.52
N VAL A 169 3.42 -9.24 2.94
CA VAL A 169 2.75 -8.04 2.42
C VAL A 169 3.74 -7.50 1.40
N VAL A 170 3.24 -7.15 0.22
CA VAL A 170 4.10 -6.60 -0.79
C VAL A 170 3.89 -5.10 -0.81
N SER A 171 4.98 -4.37 -0.52
CA SER A 171 4.97 -2.92 -0.51
C SER A 171 6.38 -2.33 -0.58
N GLN A 172 6.46 -1.03 -0.88
CA GLN A 172 7.75 -0.33 -0.94
C GLN A 172 8.04 0.29 0.43
N ASP A 173 7.02 0.34 1.28
CA ASP A 173 7.12 0.87 2.64
C ASP A 173 7.35 -0.24 3.66
N TYR A 174 7.91 0.12 4.81
CA TYR A 174 8.20 -0.83 5.88
C TYR A 174 7.05 -0.88 6.89
N ASP A 175 6.18 0.11 6.82
CA ASP A 175 5.04 0.24 7.73
C ASP A 175 4.21 -1.00 8.09
N ALA A 176 4.12 -1.99 7.21
CA ALA A 176 3.35 -3.19 7.55
C ALA A 176 3.91 -3.91 8.79
N LEU A 177 5.21 -3.80 9.00
CA LEU A 177 5.85 -4.42 10.17
C LEU A 177 5.22 -3.92 11.47
N LEU A 178 4.88 -2.63 11.49
CA LEU A 178 4.28 -1.98 12.66
C LEU A 178 2.91 -2.57 13.02
N TYR A 179 2.23 -3.13 12.03
CA TYR A 179 0.94 -3.75 12.26
C TYR A 179 1.12 -5.20 12.64
N GLY A 180 2.38 -5.64 12.76
CA GLY A 180 2.61 -7.02 13.12
C GLY A 180 2.78 -7.95 11.93
N ALA A 181 2.92 -7.40 10.73
CA ALA A 181 3.11 -8.24 9.55
C ALA A 181 4.37 -9.09 9.75
N PRO A 182 4.26 -10.42 9.65
CA PRO A 182 5.48 -11.24 9.84
C PRO A 182 6.55 -11.03 8.77
N ARG A 183 6.13 -10.68 7.56
CA ARG A 183 7.08 -10.45 6.46
C ARG A 183 6.58 -9.41 5.49
N VAL A 184 7.53 -8.64 4.97
CA VAL A 184 7.26 -7.62 3.99
C VAL A 184 8.24 -7.91 2.86
N VAL A 185 7.81 -7.78 1.62
CA VAL A 185 8.70 -8.00 0.50
C VAL A 185 8.68 -6.76 -0.38
N ARG A 186 9.83 -6.10 -0.48
CA ARG A 186 9.96 -4.89 -1.28
C ARG A 186 10.54 -5.15 -2.66
N ASN A 187 10.41 -4.17 -3.54
CA ASN A 187 10.91 -4.20 -4.91
C ASN A 187 10.34 -5.25 -5.84
N LEU A 188 9.04 -5.53 -5.71
CA LEU A 188 8.35 -6.44 -6.60
C LEU A 188 7.57 -5.58 -7.60
N THR A 189 7.00 -4.48 -7.11
CA THR A 189 6.24 -3.57 -7.97
C THR A 189 7.20 -2.65 -8.72
N THR A 190 8.44 -2.62 -8.24
CA THR A 190 9.54 -1.84 -8.81
C THR A 190 10.72 -2.80 -8.72
N THR A 191 11.51 -2.90 -9.79
CA THR A 191 12.63 -3.84 -9.79
C THR A 191 14.01 -3.23 -10.01
N LYS A 192 14.12 -1.93 -9.76
CA LYS A 192 15.40 -1.25 -9.90
C LYS A 192 16.41 -2.09 -9.14
N GLU A 193 16.03 -2.41 -7.91
CA GLU A 193 16.84 -3.22 -7.03
C GLU A 193 16.19 -4.57 -6.86
N MET A 194 16.94 -5.47 -6.26
CA MET A 194 16.51 -6.82 -6.03
C MET A 194 15.39 -6.93 -4.99
N PRO A 195 14.57 -7.99 -5.08
CA PRO A 195 13.50 -8.12 -4.10
C PRO A 195 14.16 -8.10 -2.74
N GLU A 196 13.45 -7.55 -1.76
CA GLU A 196 14.00 -7.47 -0.42
C GLU A 196 12.97 -7.97 0.60
N LEU A 197 13.37 -8.97 1.37
CA LEU A 197 12.50 -9.52 2.38
C LEU A 197 12.92 -9.09 3.78
N ILE A 198 11.94 -8.59 4.54
CA ILE A 198 12.17 -8.18 5.92
C ILE A 198 11.27 -9.06 6.78
N GLU A 199 11.86 -9.78 7.72
CA GLU A 199 11.07 -10.63 8.61
C GLU A 199 11.00 -9.91 9.95
N LEU A 200 9.78 -9.69 10.44
CA LEU A 200 9.59 -8.98 11.71
C LEU A 200 10.35 -9.61 12.88
N ASN A 201 10.28 -10.93 13.01
CA ASN A 201 10.97 -11.63 14.10
C ASN A 201 12.48 -11.45 14.05
N GLU A 202 13.05 -11.42 12.85
CA GLU A 202 14.49 -11.24 12.72
C GLU A 202 14.85 -9.85 13.24
N VAL A 203 14.07 -8.85 12.81
CA VAL A 203 14.28 -7.46 13.20
C VAL A 203 14.26 -7.29 14.73
N LEU A 204 13.24 -7.87 15.35
CA LEU A 204 13.07 -7.80 16.80
C LEU A 204 14.18 -8.54 17.54
N GLU A 205 14.50 -9.75 17.10
CA GLU A 205 15.55 -10.51 17.76
C GLU A 205 16.89 -9.80 17.62
N ASP A 206 17.19 -9.34 16.41
CA ASP A 206 18.45 -8.65 16.14
C ASP A 206 18.59 -7.36 16.92
N LEU A 207 17.55 -6.52 16.94
CA LEU A 207 17.61 -5.26 17.66
C LEU A 207 17.38 -5.45 19.16
N ARG A 208 16.84 -6.61 19.54
CA ARG A 208 16.56 -6.88 20.95
C ARG A 208 15.44 -5.98 21.45
N ILE A 209 14.37 -5.87 20.67
CA ILE A 209 13.23 -5.05 21.04
C ILE A 209 11.94 -5.79 20.68
N SER A 210 10.83 -5.30 21.23
CA SER A 210 9.52 -5.88 20.99
C SER A 210 8.80 -5.08 19.92
N LEU A 211 7.68 -5.59 19.42
CA LEU A 211 6.90 -4.88 18.41
C LEU A 211 6.47 -3.51 18.96
N ASP A 212 6.05 -3.50 20.23
CA ASP A 212 5.62 -2.25 20.86
C ASP A 212 6.79 -1.26 20.87
N ASP A 213 8.01 -1.75 21.09
CA ASP A 213 9.21 -0.92 21.08
C ASP A 213 9.40 -0.30 19.69
N LEU A 214 9.30 -1.14 18.67
CA LEU A 214 9.44 -0.72 17.27
C LEU A 214 8.43 0.37 16.91
N ILE A 215 7.20 0.22 17.41
CA ILE A 215 6.17 1.21 17.15
C ILE A 215 6.57 2.51 17.82
N ASP A 216 7.19 2.39 18.99
CA ASP A 216 7.63 3.58 19.73
C ASP A 216 8.70 4.30 18.89
N ILE A 217 9.66 3.55 18.37
CA ILE A 217 10.71 4.13 17.56
C ILE A 217 10.09 4.86 16.36
N ALA A 218 9.14 4.22 15.70
CA ALA A 218 8.47 4.81 14.53
C ALA A 218 7.78 6.11 14.90
N ILE A 219 7.15 6.15 16.07
CA ILE A 219 6.47 7.35 16.52
C ILE A 219 7.49 8.49 16.78
N PHE A 220 8.64 8.17 17.37
CA PHE A 220 9.69 9.18 17.57
C PHE A 220 10.08 9.76 16.22
N MET A 221 10.32 8.87 15.25
CA MET A 221 10.74 9.26 13.90
C MET A 221 9.61 9.99 13.18
N GLY A 222 8.37 9.57 13.43
CA GLY A 222 7.24 10.23 12.81
C GLY A 222 6.45 9.33 11.90
N THR A 223 5.16 9.17 12.21
CA THR A 223 4.28 8.33 11.40
C THR A 223 3.32 9.24 10.65
N ASP A 224 2.45 8.65 9.83
CA ASP A 224 1.47 9.41 9.06
C ASP A 224 0.53 10.10 10.05
N TYR A 225 0.48 9.55 11.26
CA TYR A 225 -0.38 10.07 12.31
C TYR A 225 0.27 11.14 13.18
N ASN A 226 1.58 11.34 13.01
CA ASN A 226 2.29 12.39 13.74
C ASN A 226 3.53 12.70 12.92
N PRO A 227 3.32 13.24 11.70
CA PRO A 227 4.39 13.60 10.76
C PRO A 227 5.44 14.51 11.41
N GLY A 228 6.70 14.21 11.14
CA GLY A 228 7.77 15.00 11.73
C GLY A 228 8.26 14.36 13.03
N GLY A 229 7.43 13.52 13.64
CA GLY A 229 7.81 12.84 14.88
C GLY A 229 8.10 13.71 16.09
N VAL A 230 9.06 13.29 16.91
CA VAL A 230 9.43 14.04 18.11
C VAL A 230 10.70 14.85 17.83
N LYS A 231 10.56 16.16 17.90
CA LYS A 231 11.65 17.10 17.63
C LYS A 231 13.06 16.56 17.78
N GLY A 232 13.78 16.60 16.66
CA GLY A 232 15.17 16.18 16.62
C GLY A 232 15.52 14.77 17.06
N ILE A 233 14.71 13.77 16.72
CA ILE A 233 15.02 12.41 17.12
C ILE A 233 14.90 11.41 15.98
N GLY A 234 16.05 10.83 15.62
CA GLY A 234 16.08 9.85 14.55
C GLY A 234 16.03 8.43 15.11
N PHE A 235 16.32 7.45 14.27
CA PHE A 235 16.26 6.05 14.71
C PHE A 235 17.17 5.72 15.88
N LYS A 236 18.45 6.09 15.76
CA LYS A 236 19.43 5.80 16.79
C LYS A 236 19.09 6.36 18.17
N ARG A 237 18.72 7.64 18.23
CA ARG A 237 18.37 8.25 19.51
C ARG A 237 17.10 7.64 20.07
N ALA A 238 16.13 7.38 19.21
CA ALA A 238 14.87 6.76 19.63
C ALA A 238 15.14 5.36 20.18
N TYR A 239 15.93 4.57 19.46
CA TYR A 239 16.29 3.21 19.85
C TYR A 239 17.02 3.29 21.20
N GLU A 240 17.82 4.33 21.37
CA GLU A 240 18.54 4.54 22.61
C GLU A 240 17.53 4.71 23.74
N LEU A 241 16.56 5.59 23.54
CA LEU A 241 15.54 5.85 24.55
C LEU A 241 14.71 4.58 24.82
N VAL A 242 14.48 3.77 23.80
CA VAL A 242 13.72 2.54 23.99
C VAL A 242 14.48 1.54 24.85
N ARG A 243 15.74 1.31 24.51
CA ARG A 243 16.60 0.37 25.25
C ARG A 243 16.78 0.81 26.70
N SER A 244 16.69 2.11 26.95
CA SER A 244 16.85 2.60 28.30
C SER A 244 15.57 2.43 29.10
N GLY A 245 14.48 2.11 28.41
CA GLY A 245 13.22 1.92 29.09
C GLY A 245 12.54 3.22 29.52
N VAL A 246 12.86 4.30 28.82
CA VAL A 246 12.30 5.62 29.13
C VAL A 246 11.49 6.19 27.95
N ALA A 247 11.30 5.39 26.90
CA ALA A 247 10.55 5.83 25.71
C ALA A 247 9.09 6.15 25.94
N LYS A 248 8.37 5.24 26.60
CA LYS A 248 6.95 5.44 26.85
C LYS A 248 6.62 6.72 27.66
N ASP A 249 7.50 7.08 28.58
CA ASP A 249 7.30 8.27 29.39
C ASP A 249 7.50 9.49 28.50
N VAL A 250 8.58 9.46 27.72
CA VAL A 250 8.92 10.54 26.80
C VAL A 250 7.80 10.76 25.79
N LEU A 251 7.33 9.67 25.20
CA LEU A 251 6.27 9.72 24.20
C LEU A 251 4.96 10.26 24.78
N LYS A 252 4.65 9.91 26.03
CA LYS A 252 3.40 10.40 26.61
C LYS A 252 3.47 11.92 26.76
N LYS A 253 4.67 12.44 27.03
CA LYS A 253 4.89 13.86 27.18
C LYS A 253 4.97 14.61 25.84
N GLU A 254 5.72 14.04 24.92
CA GLU A 254 5.96 14.66 23.61
C GLU A 254 4.92 14.50 22.51
N VAL A 255 4.16 13.39 22.54
CA VAL A 255 3.18 13.12 21.48
C VAL A 255 1.74 13.09 21.95
N GLU A 256 0.95 14.07 21.52
CA GLU A 256 -0.45 14.08 21.92
C GLU A 256 -1.12 12.92 21.16
N TYR A 257 -2.06 12.26 21.79
CA TYR A 257 -2.75 11.11 21.17
C TYR A 257 -1.82 9.91 21.02
N TYR A 258 -0.76 9.87 21.82
CA TYR A 258 0.19 8.76 21.79
C TYR A 258 -0.56 7.42 21.90
N ASP A 259 -1.43 7.29 22.89
CA ASP A 259 -2.19 6.05 23.10
C ASP A 259 -3.10 5.76 21.91
N GLU A 260 -3.60 6.82 21.28
CA GLU A 260 -4.48 6.69 20.14
C GLU A 260 -3.71 6.21 18.92
N ILE A 261 -2.50 6.72 18.73
CA ILE A 261 -1.68 6.34 17.60
C ILE A 261 -1.25 4.88 17.75
N LYS A 262 -0.94 4.49 18.99
CA LYS A 262 -0.54 3.11 19.29
C LYS A 262 -1.66 2.13 18.95
N ARG A 263 -2.88 2.50 19.31
CA ARG A 263 -4.05 1.65 19.06
C ARG A 263 -4.33 1.44 17.58
N ILE A 264 -3.99 2.43 16.77
CA ILE A 264 -4.18 2.34 15.33
C ILE A 264 -3.38 1.12 14.79
N PHE A 265 -2.13 0.98 15.24
CA PHE A 265 -1.31 -0.13 14.79
C PHE A 265 -1.64 -1.45 15.49
N LYS A 266 -2.00 -1.38 16.77
CA LYS A 266 -2.29 -2.59 17.55
C LYS A 266 -3.68 -3.19 17.33
N GLU A 267 -4.70 -2.34 17.19
CA GLU A 267 -6.08 -2.78 17.02
C GLU A 267 -6.77 -2.17 15.81
N PRO A 268 -6.25 -2.42 14.60
CA PRO A 268 -6.92 -1.84 13.44
C PRO A 268 -8.20 -2.58 13.10
N LYS A 269 -9.05 -1.95 12.31
CA LYS A 269 -10.29 -2.60 11.87
C LYS A 269 -9.86 -3.46 10.69
N VAL A 270 -10.24 -4.73 10.74
CA VAL A 270 -9.86 -5.66 9.71
C VAL A 270 -11.13 -6.43 9.28
N THR A 271 -11.03 -7.20 8.20
CA THR A 271 -12.16 -7.97 7.71
C THR A 271 -11.73 -9.36 7.30
N ASP A 272 -12.68 -10.30 7.34
CA ASP A 272 -12.38 -11.67 6.96
C ASP A 272 -13.13 -11.97 5.66
N ASN A 273 -13.88 -10.99 5.17
CA ASN A 273 -14.65 -11.19 3.93
C ASN A 273 -13.83 -10.94 2.67
N TYR A 274 -13.24 -12.02 2.16
CA TYR A 274 -12.45 -11.95 0.95
C TYR A 274 -12.11 -13.36 0.54
N SER A 275 -11.73 -13.53 -0.72
CA SER A 275 -11.36 -14.83 -1.25
C SER A 275 -10.03 -14.69 -1.96
N LEU A 276 -9.21 -15.72 -1.86
CA LEU A 276 -7.90 -15.72 -2.50
C LEU A 276 -8.02 -16.49 -3.80
N SER A 277 -9.23 -16.96 -4.10
CA SER A 277 -9.49 -17.72 -5.30
C SER A 277 -9.32 -16.88 -6.56
N LEU A 278 -8.72 -17.49 -7.59
CA LEU A 278 -8.50 -16.83 -8.88
C LEU A 278 -9.64 -17.22 -9.83
N LYS A 279 -9.92 -16.37 -10.81
CA LYS A 279 -10.98 -16.64 -11.78
C LYS A 279 -10.40 -16.52 -13.19
N LEU A 280 -10.93 -17.29 -14.13
CA LEU A 280 -10.45 -17.21 -15.50
C LEU A 280 -10.66 -15.78 -15.98
N PRO A 281 -9.67 -15.21 -16.69
CA PRO A 281 -9.80 -13.83 -17.17
C PRO A 281 -10.74 -13.59 -18.36
N ASP A 282 -11.43 -12.45 -18.33
CA ASP A 282 -12.34 -12.07 -19.40
C ASP A 282 -11.47 -11.40 -20.47
N LYS A 283 -10.95 -12.21 -21.37
CA LYS A 283 -10.06 -11.72 -22.43
C LYS A 283 -10.64 -10.55 -23.22
N GLU A 284 -11.89 -10.68 -23.65
CA GLU A 284 -12.54 -9.64 -24.45
C GLU A 284 -12.72 -8.33 -23.72
N GLY A 285 -13.10 -8.39 -22.45
CA GLY A 285 -13.28 -7.19 -21.67
C GLY A 285 -11.96 -6.50 -21.39
N ILE A 286 -10.91 -7.29 -21.21
CA ILE A 286 -9.59 -6.73 -20.94
C ILE A 286 -9.09 -5.97 -22.15
N ILE A 287 -9.24 -6.58 -23.32
CA ILE A 287 -8.81 -5.95 -24.58
C ILE A 287 -9.60 -4.68 -24.83
N LYS A 288 -10.90 -4.71 -24.54
CA LYS A 288 -11.72 -3.53 -24.76
C LYS A 288 -11.22 -2.40 -23.87
N PHE A 289 -11.07 -2.67 -22.58
CA PHE A 289 -10.61 -1.66 -21.65
C PHE A 289 -9.18 -1.17 -21.96
N LEU A 290 -8.24 -2.11 -22.08
CA LEU A 290 -6.83 -1.77 -22.35
C LEU A 290 -6.51 -1.23 -23.73
N VAL A 291 -6.87 -1.98 -24.76
CA VAL A 291 -6.62 -1.61 -26.15
C VAL A 291 -7.63 -0.57 -26.63
N ASP A 292 -8.91 -0.95 -26.62
CA ASP A 292 -9.95 -0.03 -27.10
C ASP A 292 -10.03 1.30 -26.37
N GLU A 293 -10.27 1.25 -25.07
CA GLU A 293 -10.42 2.48 -24.32
C GLU A 293 -9.14 3.12 -23.79
N ASN A 294 -8.04 2.37 -23.74
CA ASN A 294 -6.83 2.96 -23.20
C ASN A 294 -5.58 2.91 -24.05
N ASP A 295 -5.77 2.55 -25.31
CA ASP A 295 -4.69 2.52 -26.28
C ASP A 295 -3.45 1.67 -26.02
N PHE A 296 -3.63 0.54 -25.35
CA PHE A 296 -2.52 -0.37 -25.14
C PHE A 296 -2.33 -1.05 -26.49
N ASN A 297 -1.16 -1.64 -26.71
CA ASN A 297 -0.89 -2.33 -27.96
C ASN A 297 -1.65 -3.65 -28.00
N TYR A 298 -2.50 -3.83 -29.02
CA TYR A 298 -3.30 -5.04 -29.14
C TYR A 298 -2.50 -6.33 -29.07
N ASP A 299 -1.48 -6.43 -29.91
CA ASP A 299 -0.62 -7.60 -29.97
C ASP A 299 -0.12 -8.00 -28.59
N ARG A 300 0.57 -7.08 -27.93
CA ARG A 300 1.12 -7.35 -26.60
C ARG A 300 0.04 -7.73 -25.60
N VAL A 301 -1.07 -6.99 -25.61
CA VAL A 301 -2.16 -7.25 -24.69
C VAL A 301 -2.75 -8.64 -24.96
N LYS A 302 -2.99 -8.94 -26.25
CA LYS A 302 -3.55 -10.23 -26.63
C LYS A 302 -2.67 -11.39 -26.16
N LYS A 303 -1.37 -11.31 -26.42
CA LYS A 303 -0.46 -12.36 -25.99
C LYS A 303 -0.51 -12.49 -24.48
N HIS A 304 -0.66 -11.37 -23.78
CA HIS A 304 -0.70 -11.41 -22.33
C HIS A 304 -1.98 -11.97 -21.70
N VAL A 305 -3.14 -11.68 -22.27
CA VAL A 305 -4.38 -12.23 -21.68
C VAL A 305 -4.40 -13.74 -21.99
N ASP A 306 -3.74 -14.13 -23.07
CA ASP A 306 -3.68 -15.54 -23.47
C ASP A 306 -2.79 -16.24 -22.45
N LYS A 307 -1.68 -15.60 -22.09
CA LYS A 307 -0.77 -16.15 -21.09
C LYS A 307 -1.47 -16.20 -19.72
N LEU A 308 -2.15 -15.11 -19.35
CA LEU A 308 -2.86 -15.02 -18.08
C LEU A 308 -3.89 -16.15 -17.93
N TYR A 309 -4.70 -16.34 -18.96
CA TYR A 309 -5.72 -17.37 -18.94
C TYR A 309 -5.10 -18.75 -18.68
N ASN A 310 -4.06 -19.09 -19.44
CA ASN A 310 -3.39 -20.38 -19.29
C ASN A 310 -2.84 -20.57 -17.87
N LEU A 311 -2.20 -19.54 -17.34
CA LEU A 311 -1.64 -19.61 -15.99
C LEU A 311 -2.73 -19.90 -14.97
N ILE A 312 -3.81 -19.13 -15.01
CA ILE A 312 -4.89 -19.32 -14.05
C ILE A 312 -5.55 -20.69 -14.22
N ALA A 313 -5.77 -21.09 -15.48
CA ALA A 313 -6.38 -22.39 -15.76
C ALA A 313 -5.56 -23.50 -15.14
N ASN A 314 -4.26 -23.44 -15.34
CA ASN A 314 -3.35 -24.43 -14.79
C ASN A 314 -3.41 -24.37 -13.27
N LYS A 315 -3.37 -23.16 -12.74
CA LYS A 315 -3.45 -22.95 -11.30
C LYS A 315 -4.78 -23.49 -10.82
N THR A 316 -5.80 -23.36 -11.67
CA THR A 316 -7.15 -23.80 -11.37
C THR A 316 -7.46 -25.13 -12.06
#